data_8BM7
#
_entry.id   8BM7
#
_entity_poly.entity_id   1
_entity_poly.type   'polydeoxyribonucleotide'
_entity_poly.pdbx_seq_one_letter_code
;(DC)(DG)(DA)(DG)(DC)(DG)(DA)(DG)(DC)(DG)(DA)(DG)(DC)(DG)(DA)(DA)(DA)(DG)(DC)(DA)
(DC)(DG)(DA)(DA)(DC)(DG)(DA)(DG)(DC)(DG)(DA)(DG)(DC)(DG)(DA)(DG)(DC)(DG)
;
_entity_poly.pdbx_strand_id   A
#
loop_
_chem_comp.id
_chem_comp.type
_chem_comp.name
_chem_comp.formula
DA DNA linking 2'-DEOXYADENOSINE-5'-MONOPHOSPHATE 'C10 H14 N5 O6 P'
DC DNA linking 2'-DEOXYCYTIDINE-5'-MONOPHOSPHATE 'C9 H14 N3 O7 P'
DG DNA linking 2'-DEOXYGUANOSINE-5'-MONOPHOSPHATE 'C10 H14 N5 O7 P'
#